data_3CUC
#
_entry.id   3CUC
#
_cell.length_a   138.725
_cell.length_b   138.725
_cell.length_c   120.723
_cell.angle_alpha   90.000
_cell.angle_beta   90.000
_cell.angle_gamma   120.000
#
_symmetry.space_group_name_H-M   'P 31 2 1'
#
_entity_poly.entity_id   1
_entity_poly.type   'polypeptide(L)'
_entity_poly.pdbx_seq_one_letter_code
;G(MSE)GISNIKQLYSKWKSLQPLKPEDLKRWNDKFKLEFNYNSNHLEGNTLTYGQTKLLL(MSE)FGETSGNASLKDYE
E(MSE)KAHNVGLE(MSE)IKQEAQDKERPLTESFIRELNRTILVQDYWKNAKTPDGQDIR(MSE)QIKVGEYKSRPNSV
LTATGEVFSYASPEETPAF(MSE)TSLVDWYNLEADKGILTPVELAALLHYRYIRIHPFEDGNGRIARLLVNFVLHRYGY
P(MSE)IVIHSEDKSNYLNILHQCDVEAGLTPSDGANATLNDILPFVNYLSSCLIRSLTLAIKAAKGESIEEEGDFDKK
;
_entity_poly.pdbx_strand_id   A,B
#
# COMPACT_ATOMS: atom_id res chain seq x y z
N SER A 5 11.13 9.87 5.23
CA SER A 5 10.84 11.24 4.71
C SER A 5 11.25 11.34 3.23
N ASN A 6 12.53 11.18 2.92
CA ASN A 6 12.98 11.15 1.52
C ASN A 6 12.44 9.92 0.81
N ILE A 7 12.60 8.77 1.46
CA ILE A 7 12.13 7.49 0.93
C ILE A 7 10.61 7.42 0.80
N LYS A 8 9.90 8.04 1.74
CA LYS A 8 8.43 8.03 1.74
C LYS A 8 7.84 8.85 0.59
N GLN A 9 8.54 9.92 0.22
CA GLN A 9 8.14 10.81 -0.85
C GLN A 9 8.34 10.11 -2.18
N LEU A 10 9.49 9.44 -2.30
CA LEU A 10 9.83 8.66 -3.48
C LEU A 10 8.83 7.51 -3.69
N TYR A 11 8.52 6.80 -2.61
CA TYR A 11 7.53 5.73 -2.66
C TYR A 11 6.16 6.23 -3.12
N SER A 12 5.70 7.31 -2.50
CA SER A 12 4.44 7.94 -2.86
C SER A 12 4.40 8.29 -4.35
N LYS A 13 5.48 8.87 -4.85
CA LYS A 13 5.57 9.25 -6.25
C LYS A 13 5.52 8.02 -7.14
N TRP A 14 6.20 6.97 -6.71
CA TRP A 14 6.24 5.72 -7.45
C TRP A 14 4.85 5.11 -7.57
N LYS A 15 4.13 5.02 -6.45
CA LYS A 15 2.77 4.49 -6.46
C LYS A 15 1.85 5.28 -7.40
N SER A 16 2.08 6.59 -7.50
CA SER A 16 1.23 7.46 -8.32
C SER A 16 1.43 7.24 -9.82
N LEU A 17 2.58 6.70 -10.19
CA LEU A 17 2.91 6.50 -11.58
C LEU A 17 2.51 5.11 -12.09
N GLN A 18 1.97 4.29 -11.19
CA GLN A 18 1.51 2.95 -11.55
C GLN A 18 0.16 3.02 -12.27
N PRO A 19 0.03 2.27 -13.38
CA PRO A 19 1.02 1.41 -14.03
C PRO A 19 1.89 2.17 -15.02
N LEU A 20 3.14 1.75 -15.18
CA LEU A 20 4.03 2.34 -16.17
C LEU A 20 3.62 1.92 -17.56
N LYS A 21 3.79 2.81 -18.53
CA LYS A 21 3.67 2.46 -19.94
C LYS A 21 4.61 1.29 -20.19
N PRO A 22 4.13 0.23 -20.89
CA PRO A 22 4.88 -1.03 -21.03
C PRO A 22 6.31 -0.91 -21.56
N GLU A 23 6.57 0.05 -22.43
CA GLU A 23 7.93 0.30 -22.96
C GLU A 23 8.86 0.95 -21.93
N ASP A 24 8.30 1.81 -21.07
CA ASP A 24 9.05 2.35 -19.93
C ASP A 24 9.30 1.22 -18.93
N LEU A 25 8.28 0.41 -18.67
CA LEU A 25 8.38 -0.71 -17.73
C LEU A 25 9.39 -1.74 -18.21
N LYS A 26 9.42 -2.02 -19.50
CA LYS A 26 10.39 -2.97 -20.06
C LYS A 26 11.83 -2.49 -19.88
N ARG A 27 12.07 -1.21 -20.14
CA ARG A 27 13.39 -0.63 -19.93
C ARG A 27 13.84 -0.80 -18.49
N TRP A 28 12.94 -0.50 -17.55
CA TRP A 28 13.26 -0.69 -16.14
C TRP A 28 13.59 -2.16 -15.85
N ASN A 29 12.69 -3.05 -16.25
CA ASN A 29 12.88 -4.49 -16.01
C ASN A 29 14.15 -5.03 -16.65
N ASP A 30 14.42 -4.64 -17.89
CA ASP A 30 15.64 -5.09 -18.57
C ASP A 30 16.89 -4.66 -17.79
N LYS A 31 16.98 -3.39 -17.42
CA LYS A 31 18.12 -2.91 -16.65
C LYS A 31 18.26 -3.65 -15.33
N PHE A 32 17.15 -3.89 -14.64
CA PHE A 32 17.22 -4.55 -13.35
C PHE A 32 17.71 -6.00 -13.47
N LYS A 33 17.13 -6.74 -14.41
CA LYS A 33 17.52 -8.14 -14.66
C LYS A 33 19.02 -8.24 -14.87
N LEU A 34 19.52 -7.31 -15.66
CA LEU A 34 20.92 -7.26 -15.99
C LEU A 34 21.76 -7.02 -14.72
N GLU A 35 21.45 -5.93 -14.02
CA GLU A 35 22.27 -5.50 -12.90
C GLU A 35 22.17 -6.41 -11.69
N PHE A 36 20.99 -6.97 -11.47
CA PHE A 36 20.79 -7.87 -10.35
C PHE A 36 21.57 -9.17 -10.57
N ASN A 37 21.36 -9.79 -11.72
CA ASN A 37 22.05 -11.03 -12.05
C ASN A 37 23.58 -10.85 -11.99
N TYR A 38 24.07 -9.76 -12.58
CA TYR A 38 25.49 -9.51 -12.60
C TYR A 38 26.00 -9.36 -11.17
N ASN A 39 25.43 -8.41 -10.44
CA ASN A 39 25.95 -8.08 -9.11
C ASN A 39 25.79 -9.19 -8.09
N SER A 40 24.63 -9.81 -8.04
CA SER A 40 24.37 -10.83 -7.01
C SER A 40 25.34 -12.00 -7.19
N ASN A 41 25.65 -12.34 -8.44
CA ASN A 41 26.62 -13.40 -8.71
C ASN A 41 28.07 -12.93 -8.57
N HIS A 42 28.34 -11.68 -8.91
CA HIS A 42 29.68 -11.14 -8.77
C HIS A 42 30.11 -11.08 -7.31
N LEU A 43 29.16 -10.76 -6.42
CA LEU A 43 29.40 -10.76 -4.97
C LEU A 43 29.98 -12.10 -4.48
N GLU A 44 29.63 -13.20 -5.14
CA GLU A 44 30.06 -14.53 -4.72
C GLU A 44 31.21 -15.06 -5.60
N GLY A 45 31.87 -14.17 -6.35
CA GLY A 45 33.06 -14.54 -7.11
C GLY A 45 32.89 -14.97 -8.56
N ASN A 46 31.67 -14.86 -9.11
CA ASN A 46 31.46 -15.10 -10.54
C ASN A 46 32.22 -14.06 -11.36
N THR A 47 33.05 -14.51 -12.28
CA THR A 47 33.99 -13.62 -12.96
C THR A 47 33.55 -13.29 -14.38
N LEU A 48 32.28 -13.47 -14.68
CA LEU A 48 31.76 -12.99 -15.95
C LEU A 48 31.74 -11.46 -15.94
N THR A 49 32.28 -10.87 -17.01
CA THR A 49 32.27 -9.42 -17.17
C THR A 49 30.84 -9.01 -17.42
N TYR A 50 30.63 -7.70 -17.51
CA TYR A 50 29.32 -7.14 -17.72
C TYR A 50 28.84 -7.41 -19.14
N GLY A 51 29.77 -7.35 -20.09
CA GLY A 51 29.50 -7.63 -21.48
C GLY A 51 29.10 -9.08 -21.64
N GLN A 52 29.94 -9.98 -21.10
CA GLN A 52 29.66 -11.41 -21.13
C GLN A 52 28.25 -11.67 -20.58
N THR A 53 27.90 -10.97 -19.51
CA THR A 53 26.61 -11.15 -18.86
C THR A 53 25.46 -10.62 -19.71
N LYS A 54 25.59 -9.39 -20.19
CA LYS A 54 24.54 -8.73 -20.98
C LYS A 54 24.20 -9.50 -22.25
N LEU A 55 25.23 -9.82 -23.03
CA LEU A 55 25.06 -10.62 -24.24
C LEU A 55 24.47 -12.02 -23.97
N LEU A 56 24.64 -12.55 -22.76
CA LEU A 56 23.98 -13.80 -22.37
C LEU A 56 22.48 -13.59 -22.16
N LEU A 57 22.13 -12.66 -21.28
CA LEU A 57 20.73 -12.48 -20.88
C LEU A 57 19.84 -11.84 -21.95
N MSE A 58 20.41 -11.01 -22.82
CA MSE A 58 19.63 -10.33 -23.84
CA MSE A 58 19.67 -10.28 -23.87
C MSE A 58 19.62 -11.08 -25.16
O MSE A 58 18.64 -11.00 -25.89
CB MSE A 58 20.14 -8.91 -24.06
CB MSE A 58 20.36 -8.94 -24.22
CG MSE A 58 20.01 -8.01 -22.82
CG MSE A 58 19.96 -7.72 -23.39
SE MSE A 58 18.16 -7.77 -22.17
SE MSE A 58 20.60 -6.04 -24.23
CE MSE A 58 17.32 -7.04 -23.86
CE MSE A 58 19.57 -4.73 -23.12
N PHE A 59 20.68 -11.82 -25.46
CA PHE A 59 20.78 -12.53 -26.74
C PHE A 59 21.11 -14.02 -26.66
N GLY A 60 21.39 -14.54 -25.46
CA GLY A 60 21.87 -15.92 -25.33
C GLY A 60 23.16 -16.17 -26.08
N GLU A 61 23.99 -15.15 -26.20
CA GLU A 61 25.29 -15.28 -26.88
C GLU A 61 26.43 -15.21 -25.85
N THR A 62 27.51 -15.93 -26.13
CA THR A 62 28.71 -15.92 -25.31
C THR A 62 29.75 -15.09 -26.02
N SER A 63 30.67 -14.52 -25.25
CA SER A 63 31.70 -13.62 -25.78
C SER A 63 32.91 -13.60 -24.86
N GLY A 64 34.08 -13.39 -25.43
CA GLY A 64 35.28 -13.32 -24.62
C GLY A 64 35.56 -14.67 -23.97
N ASN A 65 36.30 -14.62 -22.85
CA ASN A 65 36.77 -15.82 -22.17
C ASN A 65 35.96 -16.07 -20.90
N ALA A 66 35.58 -17.33 -20.70
CA ALA A 66 34.72 -17.72 -19.59
C ALA A 66 34.74 -19.22 -19.42
N SER A 67 34.01 -19.71 -18.42
CA SER A 67 33.82 -21.15 -18.26
C SER A 67 32.36 -21.39 -18.54
N LEU A 68 32.04 -22.58 -19.04
CA LEU A 68 30.65 -22.92 -19.27
C LEU A 68 29.87 -22.72 -17.98
N LYS A 69 30.43 -23.17 -16.85
CA LYS A 69 29.84 -23.03 -15.52
C LYS A 69 29.45 -21.59 -15.13
N ASP A 70 30.31 -20.63 -15.40
CA ASP A 70 29.95 -19.23 -15.14
C ASP A 70 28.71 -18.83 -15.93
N TYR A 71 28.59 -19.28 -17.18
CA TYR A 71 27.40 -18.99 -17.98
C TYR A 71 26.20 -19.72 -17.44
N GLU A 72 26.39 -20.96 -16.99
CA GLU A 72 25.29 -21.74 -16.47
C GLU A 72 24.75 -21.14 -15.17
N GLU A 73 25.60 -20.77 -14.20
CA GLU A 73 25.12 -20.23 -12.93
C GLU A 73 24.42 -18.90 -13.14
N MSE A 74 24.99 -18.07 -14.01
CA MSE A 74 24.42 -16.77 -14.34
C MSE A 74 23.05 -16.99 -14.94
O MSE A 74 22.09 -16.33 -14.57
CB MSE A 74 25.31 -16.01 -15.31
CG MSE A 74 24.89 -14.57 -15.59
SE MSE A 74 25.00 -13.46 -14.02
CE MSE A 74 26.88 -13.07 -14.06
N LYS A 75 22.94 -17.94 -15.86
CA LYS A 75 21.66 -18.27 -16.49
C LYS A 75 20.65 -18.85 -15.48
N ALA A 76 21.13 -19.74 -14.60
CA ALA A 76 20.28 -20.40 -13.63
C ALA A 76 19.75 -19.39 -12.60
N HIS A 77 20.60 -18.45 -12.19
CA HIS A 77 20.20 -17.38 -11.28
C HIS A 77 19.09 -16.54 -11.88
N ASN A 78 19.12 -16.32 -13.20
CA ASN A 78 18.06 -15.57 -13.85
C ASN A 78 16.75 -16.36 -13.86
N VAL A 79 16.83 -17.67 -13.97
CA VAL A 79 15.66 -18.53 -13.84
C VAL A 79 15.14 -18.40 -12.41
N GLY A 80 16.07 -18.33 -11.45
CA GLY A 80 15.71 -18.08 -10.07
C GLY A 80 14.96 -16.77 -9.87
N LEU A 81 15.42 -15.71 -10.53
CA LEU A 81 14.73 -14.41 -10.45
C LEU A 81 13.30 -14.54 -10.96
N GLU A 82 13.15 -15.14 -12.14
CA GLU A 82 11.82 -15.42 -12.68
C GLU A 82 10.94 -16.18 -11.69
N MSE A 83 11.53 -17.17 -11.01
CA MSE A 83 10.81 -17.94 -10.01
C MSE A 83 10.29 -17.06 -8.88
O MSE A 83 9.11 -17.16 -8.54
CB MSE A 83 11.68 -19.06 -9.43
CG MSE A 83 11.77 -20.29 -10.31
SE MSE A 83 13.06 -21.54 -9.65
CE MSE A 83 12.36 -21.81 -7.84
N ILE A 84 11.13 -16.21 -8.30
CA ILE A 84 10.67 -15.40 -7.17
C ILE A 84 9.62 -14.39 -7.60
N LYS A 85 9.73 -13.88 -8.83
CA LYS A 85 8.72 -12.95 -9.35
C LYS A 85 7.34 -13.63 -9.37
N GLN A 86 7.30 -14.82 -9.96
CA GLN A 86 6.06 -15.58 -10.07
C GLN A 86 5.50 -15.99 -8.71
N GLU A 87 6.39 -16.43 -7.83
CA GLU A 87 5.99 -16.82 -6.48
C GLU A 87 5.45 -15.60 -5.75
N ALA A 88 6.18 -14.48 -5.80
CA ALA A 88 5.75 -13.23 -5.17
C ALA A 88 4.41 -12.72 -5.72
N GLN A 89 4.22 -12.77 -7.03
CA GLN A 89 3.00 -12.24 -7.63
C GLN A 89 1.74 -12.99 -7.17
N ASP A 90 1.87 -14.30 -6.93
CA ASP A 90 0.76 -15.07 -6.38
C ASP A 90 0.67 -14.78 -4.89
N LYS A 91 -0.05 -13.71 -4.56
CA LYS A 91 -0.05 -13.13 -3.22
C LYS A 91 -0.61 -14.06 -2.14
N GLU A 92 -1.39 -15.06 -2.53
CA GLU A 92 -1.96 -16.03 -1.60
C GLU A 92 -1.05 -17.24 -1.32
N ARG A 93 0.11 -17.30 -1.96
CA ARG A 93 1.05 -18.41 -1.74
C ARG A 93 2.05 -18.06 -0.63
N PRO A 94 1.98 -18.76 0.51
CA PRO A 94 2.94 -18.48 1.57
C PRO A 94 4.36 -18.97 1.24
N LEU A 95 5.35 -18.35 1.88
CA LEU A 95 6.74 -18.75 1.70
C LEU A 95 6.92 -20.16 2.25
N THR A 96 7.44 -21.05 1.42
CA THR A 96 7.57 -22.45 1.78
C THR A 96 9.03 -22.87 1.80
N GLU A 97 9.36 -23.82 2.66
CA GLU A 97 10.69 -24.42 2.66
C GLU A 97 10.98 -25.06 1.30
N SER A 98 9.97 -25.69 0.70
CA SER A 98 10.16 -26.36 -0.58
C SER A 98 10.49 -25.40 -1.71
N PHE A 99 9.91 -24.20 -1.67
CA PHE A 99 10.25 -23.18 -2.67
C PHE A 99 11.71 -22.77 -2.54
N ILE A 100 12.18 -22.57 -1.32
CA ILE A 100 13.55 -22.14 -1.06
C ILE A 100 14.53 -23.21 -1.51
N ARG A 101 14.18 -24.46 -1.25
CA ARG A 101 15.00 -25.61 -1.65
C ARG A 101 15.07 -25.70 -3.18
N GLU A 102 13.93 -25.54 -3.85
CA GLU A 102 13.89 -25.53 -5.30
C GLU A 102 14.71 -24.38 -5.88
N LEU A 103 14.74 -23.26 -5.15
CA LEU A 103 15.52 -22.10 -5.53
C LEU A 103 17.01 -22.44 -5.53
N ASN A 104 17.46 -23.11 -4.47
CA ASN A 104 18.85 -23.55 -4.37
C ASN A 104 19.21 -24.53 -5.48
N ARG A 105 18.36 -25.55 -5.65
CA ARG A 105 18.52 -26.52 -6.72
C ARG A 105 18.66 -25.83 -8.08
N THR A 106 17.87 -24.78 -8.30
CA THR A 106 17.86 -24.09 -9.59
C THR A 106 19.14 -23.30 -9.85
N ILE A 107 19.48 -22.39 -8.95
CA ILE A 107 20.57 -21.43 -9.20
C ILE A 107 21.96 -22.09 -9.20
N LEU A 108 22.12 -23.12 -8.36
CA LEU A 108 23.28 -24.01 -8.44
C LEU A 108 22.85 -25.15 -9.33
N VAL A 109 23.36 -25.22 -10.56
CA VAL A 109 22.72 -26.05 -11.57
C VAL A 109 22.56 -27.52 -11.19
N GLN A 110 23.55 -28.06 -10.47
CA GLN A 110 23.61 -29.51 -10.21
C GLN A 110 24.55 -29.86 -9.06
N ASP A 111 24.43 -31.10 -8.59
CA ASP A 111 25.19 -31.61 -7.43
C ASP A 111 26.72 -31.43 -7.52
N TYR A 112 27.40 -31.69 -6.41
CA TYR A 112 28.82 -31.34 -6.26
C TYR A 112 29.61 -32.11 -5.17
N TRP A 113 30.93 -31.93 -5.20
CA TRP A 113 31.85 -32.49 -4.21
C TRP A 113 32.51 -31.34 -3.43
N LYS A 114 32.81 -31.59 -2.16
CA LYS A 114 33.36 -30.55 -1.27
C LYS A 114 34.82 -30.25 -1.59
N VAL A 130 22.89 -30.35 -4.28
CA VAL A 130 22.12 -29.12 -4.33
C VAL A 130 20.64 -29.32 -4.00
N GLY A 131 20.02 -28.27 -3.48
CA GLY A 131 18.61 -28.30 -3.06
C GLY A 131 18.35 -29.07 -1.77
N GLU A 132 19.41 -29.29 -0.99
CA GLU A 132 19.34 -30.07 0.25
C GLU A 132 20.08 -29.32 1.35
N TYR A 133 19.58 -29.39 2.59
CA TYR A 133 20.21 -28.68 3.70
C TYR A 133 21.61 -29.24 4.02
N LYS A 134 22.44 -28.40 4.66
CA LYS A 134 23.84 -28.72 4.98
C LYS A 134 23.94 -29.98 5.82
N SER A 135 24.93 -30.83 5.52
CA SER A 135 25.24 -32.05 6.31
C SER A 135 26.60 -31.95 7.05
N ARG A 136 27.59 -31.34 6.39
CA ARG A 136 28.81 -30.87 7.07
C ARG A 136 28.63 -29.38 7.41
N PRO A 137 29.08 -28.92 8.60
CA PRO A 137 28.93 -27.49 8.96
C PRO A 137 29.41 -26.50 7.87
N ASN A 138 28.68 -25.39 7.69
CA ASN A 138 28.99 -24.37 6.67
C ASN A 138 29.81 -23.18 7.20
N SER A 139 30.44 -23.35 8.37
CA SER A 139 31.15 -22.28 9.10
C SER A 139 32.48 -21.82 8.46
N VAL A 140 33.00 -20.69 8.94
CA VAL A 140 34.22 -20.07 8.41
C VAL A 140 34.98 -19.27 9.50
N LEU A 141 36.30 -19.46 9.61
CA LEU A 141 37.13 -18.79 10.64
C LEU A 141 37.82 -17.51 10.12
N THR A 142 37.02 -16.48 9.85
CA THR A 142 37.45 -15.27 9.10
C THR A 142 38.74 -14.63 9.63
N GLY A 145 40.90 -14.50 12.08
CA GLY A 145 40.76 -15.58 13.06
C GLY A 145 39.42 -15.66 13.81
N GLU A 146 38.53 -14.70 13.59
CA GLU A 146 37.24 -14.65 14.29
C GLU A 146 36.17 -15.56 13.64
N VAL A 147 35.85 -16.68 14.32
CA VAL A 147 34.97 -17.75 13.79
C VAL A 147 33.52 -17.29 13.54
N PHE A 148 32.91 -17.82 12.47
CA PHE A 148 31.51 -17.57 12.11
C PHE A 148 30.69 -18.86 12.25
N SER A 149 29.82 -18.91 13.26
CA SER A 149 29.05 -20.13 13.56
C SER A 149 27.61 -20.07 13.02
N TYR A 150 27.33 -20.79 11.93
CA TYR A 150 25.97 -20.85 11.37
C TYR A 150 25.25 -22.02 12.02
N ALA A 151 23.99 -22.23 11.66
CA ALA A 151 23.21 -23.33 12.23
C ALA A 151 23.92 -24.65 12.02
N SER A 152 23.87 -25.51 13.04
CA SER A 152 24.45 -26.84 12.93
C SER A 152 23.57 -27.65 11.98
N PRO A 153 24.16 -28.64 11.29
CA PRO A 153 23.36 -29.50 10.41
C PRO A 153 22.13 -30.10 11.11
N GLU A 154 22.24 -30.36 12.41
CA GLU A 154 21.17 -31.00 13.17
C GLU A 154 19.98 -30.05 13.39
N GLU A 155 20.27 -28.81 13.81
CA GLU A 155 19.22 -27.86 14.16
C GLU A 155 18.66 -27.08 12.96
N THR A 156 19.31 -27.19 11.81
CA THR A 156 18.92 -26.42 10.61
C THR A 156 17.46 -26.60 10.19
N PRO A 157 17.00 -27.87 10.00
CA PRO A 157 15.60 -28.05 9.61
C PRO A 157 14.58 -27.45 10.58
N ALA A 158 14.86 -27.54 11.88
CA ALA A 158 14.01 -26.91 12.90
C ALA A 158 14.04 -25.38 12.77
N PHE A 159 15.24 -24.83 12.62
CA PHE A 159 15.44 -23.38 12.42
C PHE A 159 14.71 -22.86 11.18
N MSE A 160 14.76 -23.62 10.09
CA MSE A 160 14.12 -23.24 8.83
C MSE A 160 12.60 -23.30 8.93
O MSE A 160 11.93 -22.38 8.46
CB MSE A 160 14.61 -24.13 7.68
CG MSE A 160 16.04 -23.85 7.26
SE MSE A 160 16.23 -22.06 6.60
CE MSE A 160 15.34 -22.24 4.86
N THR A 161 12.06 -24.35 9.54
CA THR A 161 10.62 -24.40 9.75
C THR A 161 10.16 -23.20 10.59
N SER A 162 10.97 -22.81 11.57
CA SER A 162 10.66 -21.64 12.39
C SER A 162 10.69 -20.35 11.58
N LEU A 163 11.62 -20.28 10.63
CA LEU A 163 11.82 -19.08 9.81
C LEU A 163 10.63 -18.83 8.89
N VAL A 164 10.20 -19.86 8.18
CA VAL A 164 9.06 -19.72 7.26
C VAL A 164 7.77 -19.51 8.04
N ASP A 165 7.59 -20.23 9.15
CA ASP A 165 6.44 -20.00 10.03
C ASP A 165 6.45 -18.56 10.54
N TRP A 166 7.62 -18.09 10.97
CA TRP A 166 7.75 -16.72 11.45
C TRP A 166 7.39 -15.71 10.35
N TYR A 167 7.93 -15.93 9.16
CA TYR A 167 7.76 -14.99 8.05
C TYR A 167 6.27 -14.82 7.74
N ASN A 168 5.62 -15.95 7.48
CA ASN A 168 4.22 -15.95 7.10
C ASN A 168 3.29 -15.40 8.20
N LEU A 169 3.72 -15.49 9.46
CA LEU A 169 2.96 -14.90 10.55
C LEU A 169 3.06 -13.37 10.48
N GLU A 170 4.26 -12.88 10.21
CA GLU A 170 4.47 -11.44 10.01
C GLU A 170 3.67 -10.93 8.82
N ALA A 171 3.66 -11.70 7.74
CA ALA A 171 2.86 -11.39 6.57
C ALA A 171 1.37 -11.28 6.93
N ASP A 172 0.87 -12.17 7.78
CA ASP A 172 -0.52 -12.13 8.25
C ASP A 172 -0.84 -10.88 9.04
N LYS A 173 -0.02 -10.57 10.04
CA LYS A 173 -0.37 -9.50 10.97
C LYS A 173 -0.07 -8.09 10.46
N GLY A 174 0.71 -7.99 9.38
CA GLY A 174 0.85 -6.74 8.64
C GLY A 174 1.34 -5.55 9.44
N ILE A 175 2.26 -5.79 10.37
CA ILE A 175 2.85 -4.72 11.18
C ILE A 175 4.14 -4.20 10.55
N LEU A 176 5.03 -5.10 10.14
CA LEU A 176 6.32 -4.70 9.54
C LEU A 176 6.15 -4.12 8.13
N THR A 177 6.95 -3.11 7.80
CA THR A 177 7.05 -2.61 6.43
C THR A 177 7.75 -3.66 5.58
N PRO A 178 7.47 -3.71 4.27
CA PRO A 178 8.18 -4.67 3.41
C PRO A 178 9.70 -4.58 3.47
N VAL A 179 10.26 -3.38 3.66
CA VAL A 179 11.71 -3.24 3.75
C VAL A 179 12.23 -3.89 5.03
N GLU A 180 11.52 -3.66 6.13
CA GLU A 180 11.86 -4.28 7.41
C GLU A 180 11.77 -5.80 7.35
N LEU A 181 10.64 -6.30 6.86
CA LEU A 181 10.40 -7.74 6.78
C LEU A 181 11.44 -8.39 5.88
N ALA A 182 11.75 -7.72 4.76
CA ALA A 182 12.76 -8.20 3.82
C ALA A 182 14.14 -8.23 4.49
N ALA A 183 14.48 -7.16 5.20
CA ALA A 183 15.77 -7.07 5.88
C ALA A 183 15.93 -8.18 6.90
N LEU A 184 14.88 -8.42 7.68
CA LEU A 184 14.93 -9.40 8.77
C LEU A 184 14.91 -10.83 8.22
N LEU A 185 14.15 -11.07 7.14
CA LEU A 185 14.18 -12.36 6.45
C LEU A 185 15.59 -12.69 5.91
N HIS A 186 16.21 -11.71 5.27
CA HIS A 186 17.57 -11.84 4.75
C HIS A 186 18.52 -12.18 5.89
N TYR A 187 18.45 -11.41 6.96
CA TYR A 187 19.40 -11.55 8.07
C TYR A 187 19.30 -12.90 8.76
N ARG A 188 18.09 -13.26 9.17
CA ARG A 188 17.87 -14.54 9.83
C ARG A 188 18.26 -15.70 8.94
N TYR A 189 17.86 -15.66 7.67
CA TYR A 189 18.25 -16.70 6.72
C TYR A 189 19.77 -16.81 6.61
N ILE A 190 20.44 -15.69 6.40
CA ILE A 190 21.89 -15.68 6.20
C ILE A 190 22.61 -16.19 7.47
N ARG A 191 22.02 -15.98 8.64
CA ARG A 191 22.58 -16.48 9.90
C ARG A 191 22.38 -17.98 10.08
N ILE A 192 21.27 -18.51 9.58
CA ILE A 192 21.06 -19.97 9.54
C ILE A 192 22.02 -20.61 8.52
N HIS A 193 22.12 -20.00 7.34
CA HIS A 193 23.05 -20.43 6.28
C HIS A 193 22.84 -21.93 5.96
N PRO A 194 21.59 -22.31 5.62
CA PRO A 194 21.12 -23.70 5.60
C PRO A 194 21.77 -24.62 4.56
N PHE A 195 22.00 -24.11 3.36
CA PHE A 195 22.57 -24.92 2.29
C PHE A 195 24.10 -24.88 2.34
N GLU A 196 24.73 -25.86 1.69
CA GLU A 196 26.18 -25.88 1.57
C GLU A 196 26.68 -24.71 0.72
N ASP A 197 25.85 -24.20 -0.19
CA ASP A 197 26.27 -23.08 -1.04
C ASP A 197 25.09 -22.30 -1.62
N GLY A 198 25.36 -21.08 -2.07
CA GLY A 198 24.35 -20.22 -2.69
C GLY A 198 23.54 -19.37 -1.72
N ASN A 199 23.91 -19.39 -0.45
CA ASN A 199 23.12 -18.73 0.59
C ASN A 199 23.10 -17.21 0.45
N GLY A 200 24.18 -16.63 -0.07
CA GLY A 200 24.21 -15.22 -0.36
C GLY A 200 23.16 -14.85 -1.39
N ARG A 201 23.11 -15.63 -2.46
CA ARG A 201 22.19 -15.37 -3.56
C ARG A 201 20.74 -15.63 -3.18
N ILE A 202 20.51 -16.63 -2.33
CA ILE A 202 19.16 -16.92 -1.85
C ILE A 202 18.68 -15.77 -0.98
N ALA A 203 19.52 -15.32 -0.05
CA ALA A 203 19.18 -14.18 0.81
C ALA A 203 18.70 -13.00 -0.04
N ARG A 204 19.49 -12.64 -1.03
CA ARG A 204 19.19 -11.47 -1.85
C ARG A 204 17.98 -11.68 -2.73
N LEU A 205 17.79 -12.92 -3.17
CA LEU A 205 16.58 -13.30 -3.89
C LEU A 205 15.34 -13.18 -3.00
N LEU A 206 15.47 -13.58 -1.74
CA LEU A 206 14.36 -13.50 -0.79
C LEU A 206 13.98 -12.06 -0.50
N VAL A 207 14.96 -11.16 -0.47
CA VAL A 207 14.68 -9.74 -0.28
C VAL A 207 13.76 -9.27 -1.41
N ASN A 208 14.18 -9.55 -2.63
CA ASN A 208 13.42 -9.10 -3.79
C ASN A 208 12.09 -9.83 -3.96
N PHE A 209 11.99 -11.01 -3.37
CA PHE A 209 10.70 -11.71 -3.29
C PHE A 209 9.72 -10.87 -2.47
N VAL A 210 10.18 -10.43 -1.30
CA VAL A 210 9.33 -9.66 -0.41
C VAL A 210 8.92 -8.34 -1.07
N LEU A 211 9.91 -7.61 -1.57
CA LEU A 211 9.65 -6.31 -2.19
C LEU A 211 8.70 -6.41 -3.38
N HIS A 212 8.91 -7.40 -4.23
CA HIS A 212 8.07 -7.54 -5.43
C HIS A 212 6.62 -7.87 -5.06
N ARG A 213 6.45 -8.79 -4.12
CA ARG A 213 5.13 -9.20 -3.64
C ARG A 213 4.31 -8.00 -3.20
N TYR A 214 4.93 -7.06 -2.50
CA TYR A 214 4.22 -5.90 -1.97
C TYR A 214 4.37 -4.65 -2.84
N GLY A 215 4.63 -4.84 -4.14
CA GLY A 215 4.58 -3.75 -5.11
C GLY A 215 5.72 -2.74 -5.06
N TYR A 216 6.85 -3.11 -4.47
CA TYR A 216 8.02 -2.25 -4.47
C TYR A 216 8.92 -2.67 -5.62
N PRO A 217 9.71 -1.73 -6.15
CA PRO A 217 10.71 -2.12 -7.14
C PRO A 217 11.82 -2.89 -6.45
N MSE A 218 12.32 -3.92 -7.12
CA MSE A 218 13.35 -4.76 -6.55
C MSE A 218 14.70 -4.02 -6.47
O MSE A 218 14.91 -3.04 -7.20
CB MSE A 218 13.46 -6.07 -7.33
CG MSE A 218 12.26 -6.96 -7.09
SE MSE A 218 12.27 -8.53 -8.18
CE MSE A 218 11.81 -7.75 -9.94
N ILE A 219 15.57 -4.46 -5.58
CA ILE A 219 16.83 -3.77 -5.34
C ILE A 219 18.05 -4.57 -5.79
N VAL A 220 19.13 -3.85 -6.02
CA VAL A 220 20.42 -4.43 -6.40
C VAL A 220 21.48 -4.06 -5.36
N ILE A 221 21.93 -5.03 -4.57
CA ILE A 221 23.11 -4.80 -3.74
C ILE A 221 24.31 -4.91 -4.68
N HIS A 222 25.01 -3.80 -4.87
CA HIS A 222 26.09 -3.72 -5.87
C HIS A 222 27.37 -4.34 -5.34
N SER A 223 28.04 -5.15 -6.15
CA SER A 223 29.25 -5.86 -5.70
C SER A 223 30.44 -4.92 -5.44
N GLU A 224 30.42 -3.73 -6.04
CA GLU A 224 31.40 -2.70 -5.70
C GLU A 224 31.28 -2.24 -4.24
N ASP A 225 30.11 -2.44 -3.65
CA ASP A 225 29.86 -2.05 -2.26
C ASP A 225 29.93 -3.25 -1.29
N LYS A 226 30.63 -4.32 -1.70
CA LYS A 226 30.63 -5.58 -0.96
C LYS A 226 31.13 -5.45 0.47
N SER A 227 32.23 -4.74 0.66
CA SER A 227 32.82 -4.62 1.99
C SER A 227 31.87 -3.86 2.92
N ASN A 228 31.22 -2.82 2.40
CA ASN A 228 30.24 -2.06 3.15
C ASN A 228 29.04 -2.93 3.57
N TYR A 229 28.58 -3.73 2.62
CA TYR A 229 27.49 -4.69 2.81
C TYR A 229 27.84 -5.70 3.91
N LEU A 230 29.02 -6.30 3.80
CA LEU A 230 29.53 -7.22 4.84
C LEU A 230 29.73 -6.51 6.18
N ASN A 231 30.20 -5.27 6.14
CA ASN A 231 30.44 -4.51 7.35
C ASN A 231 29.14 -4.29 8.13
N ILE A 232 28.10 -3.85 7.41
CA ILE A 232 26.81 -3.56 8.03
C ILE A 232 26.27 -4.81 8.73
N LEU A 233 26.35 -5.98 8.07
CA LEU A 233 25.95 -7.25 8.69
C LEU A 233 26.90 -7.68 9.84
N HIS A 234 28.15 -7.24 9.81
CA HIS A 234 29.13 -7.52 10.89
C HIS A 234 28.86 -6.69 12.16
N GLN A 235 28.16 -5.57 12.00
CA GLN A 235 27.73 -4.74 13.14
C GLN A 235 26.53 -5.38 13.83
N CYS A 236 25.55 -5.78 13.02
CA CYS A 236 24.38 -6.51 13.49
C CYS A 236 24.78 -7.77 14.27
N ASP A 237 25.78 -8.49 13.74
CA ASP A 237 26.28 -9.72 14.38
C ASP A 237 26.66 -9.50 15.84
N VAL A 238 27.33 -8.37 16.12
CA VAL A 238 27.74 -8.05 17.48
C VAL A 238 26.51 -7.75 18.38
N GLU A 239 25.47 -7.17 17.77
CA GLU A 239 24.27 -6.78 18.51
C GLU A 239 23.37 -7.97 18.88
N ALA A 240 23.12 -8.85 17.92
CA ALA A 240 22.17 -9.96 18.10
C ALA A 240 22.69 -11.04 19.04
N GLY A 241 23.97 -11.39 18.87
CA GLY A 241 24.60 -12.48 19.65
C GLY A 241 25.27 -13.44 18.71
N LEU A 242 26.45 -13.92 19.07
CA LEU A 242 27.32 -14.66 18.14
C LEU A 242 26.93 -16.13 17.90
N THR A 243 25.98 -16.65 18.68
CA THR A 243 25.52 -18.04 18.53
C THR A 243 24.55 -18.15 17.36
N PRO A 244 24.44 -19.36 16.76
CA PRO A 244 23.47 -19.54 15.67
C PRO A 244 22.02 -19.31 16.09
N SER A 245 21.70 -19.52 17.37
CA SER A 245 20.35 -19.25 17.88
C SER A 245 20.05 -17.75 17.89
N ASP A 246 21.03 -16.97 18.33
CA ASP A 246 20.90 -15.51 18.43
C ASP A 246 20.62 -14.87 17.06
N GLY A 247 21.29 -15.36 16.01
CA GLY A 247 21.08 -14.90 14.63
C GLY A 247 19.68 -15.23 14.14
N ALA A 248 19.27 -16.48 14.33
CA ALA A 248 17.93 -16.94 13.93
C ALA A 248 16.79 -16.16 14.61
N ASN A 249 17.06 -15.62 15.80
CA ASN A 249 16.07 -14.85 16.55
C ASN A 249 16.36 -13.35 16.63
N ALA A 250 17.23 -12.86 15.74
CA ALA A 250 17.59 -11.44 15.73
C ALA A 250 16.34 -10.57 15.57
N THR A 251 16.23 -9.55 16.41
CA THR A 251 15.07 -8.66 16.38
C THR A 251 15.30 -7.53 15.39
N LEU A 252 14.23 -6.81 15.08
CA LEU A 252 14.32 -5.69 14.13
C LEU A 252 15.31 -4.63 14.63
N ASN A 253 15.27 -4.33 15.92
CA ASN A 253 16.14 -3.31 16.51
C ASN A 253 17.61 -3.71 16.51
N ASP A 254 17.87 -5.02 16.54
CA ASP A 254 19.24 -5.53 16.41
C ASP A 254 19.82 -5.22 15.02
N ILE A 255 18.99 -5.34 13.98
CA ILE A 255 19.48 -5.24 12.59
C ILE A 255 19.20 -3.88 11.92
N LEU A 256 18.98 -2.85 12.73
CA LEU A 256 18.63 -1.52 12.24
C LEU A 256 19.61 -0.95 11.19
N PRO A 257 20.93 -1.12 11.37
CA PRO A 257 21.85 -0.63 10.32
C PRO A 257 21.63 -1.31 8.95
N PHE A 258 21.24 -2.58 8.94
CA PHE A 258 20.97 -3.31 7.71
C PHE A 258 19.62 -2.93 7.12
N VAL A 259 18.65 -2.61 7.99
CA VAL A 259 17.37 -2.09 7.52
C VAL A 259 17.60 -0.78 6.78
N ASN A 260 18.43 0.09 7.36
CA ASN A 260 18.77 1.35 6.71
C ASN A 260 19.47 1.10 5.38
N TYR A 261 20.38 0.12 5.34
CA TYR A 261 21.11 -0.19 4.13
C TYR A 261 20.19 -0.57 2.96
N LEU A 262 19.26 -1.48 3.21
CA LEU A 262 18.30 -1.87 2.19
C LEU A 262 17.43 -0.69 1.76
N SER A 263 17.12 0.19 2.71
CA SER A 263 16.34 1.39 2.40
C SER A 263 17.09 2.31 1.45
N SER A 264 18.40 2.45 1.63
CA SER A 264 19.20 3.27 0.73
C SER A 264 19.23 2.65 -0.69
N CYS A 265 19.23 1.32 -0.78
CA CYS A 265 19.10 0.67 -2.09
C CYS A 265 17.73 0.95 -2.68
N LEU A 266 16.69 0.83 -1.85
CA LEU A 266 15.33 1.05 -2.32
C LEU A 266 15.17 2.48 -2.80
N ILE A 267 15.85 3.43 -2.14
CA ILE A 267 15.89 4.82 -2.61
C ILE A 267 16.46 4.90 -4.02
N ARG A 268 17.55 4.19 -4.28
CA ARG A 268 18.16 4.15 -5.60
C ARG A 268 17.19 3.57 -6.64
N SER A 269 16.54 2.45 -6.31
CA SER A 269 15.61 1.78 -7.23
C SER A 269 14.41 2.66 -7.53
N LEU A 270 13.83 3.25 -6.49
CA LEU A 270 12.71 4.15 -6.64
C LEU A 270 13.06 5.34 -7.53
N THR A 271 14.24 5.91 -7.31
CA THR A 271 14.66 7.07 -8.08
C THR A 271 14.81 6.72 -9.56
N LEU A 272 15.47 5.60 -9.84
CA LEU A 272 15.60 5.12 -11.21
C LEU A 272 14.26 4.75 -11.83
N ALA A 273 13.39 4.12 -11.05
CA ALA A 273 12.11 3.63 -11.57
C ALA A 273 11.19 4.80 -11.90
N ILE A 274 11.16 5.80 -11.02
CA ILE A 274 10.43 7.05 -11.29
C ILE A 274 10.95 7.71 -12.57
N LYS A 275 12.27 7.69 -12.73
CA LYS A 275 12.93 8.28 -13.90
C LYS A 275 12.45 7.58 -15.17
N ALA A 276 12.38 6.25 -15.11
CA ALA A 276 11.91 5.44 -16.24
C ALA A 276 10.45 5.73 -16.55
N ALA A 277 9.61 5.74 -15.52
CA ALA A 277 8.17 6.05 -15.66
C ALA A 277 7.94 7.39 -16.37
N LYS A 278 8.75 8.38 -16.04
CA LYS A 278 8.68 9.70 -16.69
C LYS A 278 9.27 9.72 -18.11
N GLY A 279 9.69 8.57 -18.63
CA GLY A 279 10.23 8.47 -19.98
C GLY A 279 11.69 8.88 -20.16
N GLU A 280 12.35 9.29 -19.08
CA GLU A 280 13.75 9.76 -19.14
C GLU A 280 14.71 8.59 -19.22
N SER A 281 15.98 8.86 -19.50
CA SER A 281 16.99 7.80 -19.65
C SER A 281 17.44 7.22 -18.33
N ILE A 282 17.86 5.96 -18.38
CA ILE A 282 18.41 5.25 -17.22
C ILE A 282 19.82 4.69 -17.49
N GLU A 283 20.02 3.97 -18.59
CA GLU A 283 21.32 3.33 -18.91
C GLU A 283 22.39 4.36 -19.27
N SER B 5 -3.68 -3.42 14.57
CA SER B 5 -3.48 -4.87 14.84
C SER B 5 -4.60 -5.70 14.19
N ASN B 6 -5.85 -5.47 14.62
CA ASN B 6 -7.00 -6.13 13.97
C ASN B 6 -7.19 -5.59 12.55
N ILE B 7 -7.20 -4.27 12.42
CA ILE B 7 -7.34 -3.62 11.14
C ILE B 7 -6.18 -3.95 10.20
N LYS B 8 -4.98 -4.06 10.75
CA LYS B 8 -3.79 -4.35 9.93
C LYS B 8 -3.78 -5.76 9.36
N GLN B 9 -4.28 -6.72 10.14
CA GLN B 9 -4.49 -8.09 9.65
C GLN B 9 -5.50 -8.12 8.51
N LEU B 10 -6.61 -7.44 8.72
CA LEU B 10 -7.69 -7.40 7.73
C LEU B 10 -7.22 -6.78 6.42
N TYR B 11 -6.49 -5.67 6.53
CA TYR B 11 -5.91 -5.00 5.36
C TYR B 11 -4.96 -5.94 4.60
N SER B 12 -4.04 -6.56 5.33
CA SER B 12 -3.12 -7.50 4.75
C SER B 12 -3.83 -8.59 3.97
N LYS B 13 -4.89 -9.14 4.56
CA LYS B 13 -5.65 -10.21 3.94
C LYS B 13 -6.33 -9.68 2.68
N TRP B 14 -6.86 -8.47 2.76
CA TRP B 14 -7.53 -7.84 1.64
C TRP B 14 -6.57 -7.68 0.47
N LYS B 15 -5.38 -7.13 0.74
CA LYS B 15 -4.37 -6.93 -0.31
C LYS B 15 -3.98 -8.25 -0.97
N SER B 16 -3.99 -9.34 -0.20
CA SER B 16 -3.61 -10.66 -0.72
C SER B 16 -4.64 -11.28 -1.66
N LEU B 17 -5.88 -10.83 -1.56
CA LEU B 17 -6.96 -11.37 -2.37
C LEU B 17 -7.15 -10.61 -3.68
N GLN B 18 -6.39 -9.52 -3.84
CA GLN B 18 -6.47 -8.71 -5.05
C GLN B 18 -5.78 -9.42 -6.22
N PRO B 19 -6.43 -9.45 -7.40
CA PRO B 19 -7.76 -8.90 -7.72
C PRO B 19 -8.87 -9.92 -7.44
N LEU B 20 -10.04 -9.43 -7.07
CA LEU B 20 -11.19 -10.31 -6.89
C LEU B 20 -11.71 -10.80 -8.24
N LYS B 21 -12.23 -12.02 -8.25
CA LYS B 21 -12.99 -12.50 -9.40
C LYS B 21 -14.11 -11.51 -9.69
N PRO B 22 -14.29 -11.11 -10.96
CA PRO B 22 -15.20 -10.00 -11.32
C PRO B 22 -16.65 -10.12 -10.78
N GLU B 23 -17.16 -11.34 -10.67
CA GLU B 23 -18.50 -11.56 -10.12
C GLU B 23 -18.55 -11.34 -8.60
N ASP B 24 -17.47 -11.69 -7.90
CA ASP B 24 -17.35 -11.38 -6.48
C ASP B 24 -17.18 -9.87 -6.28
N LEU B 25 -16.35 -9.26 -7.13
CA LEU B 25 -16.15 -7.82 -7.11
C LEU B 25 -17.44 -7.05 -7.42
N LYS B 26 -18.23 -7.54 -8.38
CA LYS B 26 -19.50 -6.87 -8.72
C LYS B 26 -20.45 -6.89 -7.53
N ARG B 27 -20.56 -8.03 -6.87
CA ARG B 27 -21.41 -8.16 -5.69
C ARG B 27 -21.00 -7.15 -4.62
N TRP B 28 -19.71 -7.05 -4.37
CA TRP B 28 -19.23 -6.06 -3.42
C TRP B 28 -19.63 -4.64 -3.87
N ASN B 29 -19.27 -4.28 -5.10
CA ASN B 29 -19.56 -2.94 -5.59
C ASN B 29 -21.04 -2.62 -5.57
N ASP B 30 -21.87 -3.57 -6.02
CA ASP B 30 -23.31 -3.35 -6.03
C ASP B 30 -23.80 -3.00 -4.63
N LYS B 31 -23.44 -3.83 -3.65
CA LYS B 31 -23.87 -3.60 -2.27
C LYS B 31 -23.41 -2.26 -1.76
N PHE B 32 -22.16 -1.89 -2.07
CA PHE B 32 -21.62 -0.63 -1.58
C PHE B 32 -22.32 0.58 -2.19
N LYS B 33 -22.45 0.55 -3.52
CA LYS B 33 -23.16 1.57 -4.30
C LYS B 33 -24.51 1.87 -3.64
N LEU B 34 -25.23 0.81 -3.28
CA LEU B 34 -26.56 0.88 -2.69
C LEU B 34 -26.49 1.52 -1.32
N GLU B 35 -25.67 0.95 -0.46
CA GLU B 35 -25.64 1.34 0.94
C GLU B 35 -25.07 2.73 1.15
N PHE B 36 -24.09 3.08 0.34
CA PHE B 36 -23.49 4.39 0.44
C PHE B 36 -24.46 5.46 0.01
N ASN B 37 -25.04 5.29 -1.18
CA ASN B 37 -26.05 6.27 -1.66
C ASN B 37 -27.22 6.45 -0.69
N TYR B 38 -27.74 5.34 -0.18
CA TYR B 38 -28.84 5.39 0.75
C TYR B 38 -28.43 6.14 2.00
N ASN B 39 -27.39 5.66 2.67
CA ASN B 39 -27.02 6.21 3.96
C ASN B 39 -26.54 7.65 3.91
N SER B 40 -25.67 7.97 2.96
CA SER B 40 -25.07 9.30 2.94
C SER B 40 -26.18 10.34 2.73
N ASN B 41 -27.18 10.01 1.93
CA ASN B 41 -28.33 10.92 1.72
C ASN B 41 -29.32 10.87 2.86
N HIS B 42 -29.50 9.71 3.46
CA HIS B 42 -30.39 9.57 4.58
C HIS B 42 -29.91 10.40 5.78
N LEU B 43 -28.59 10.45 5.97
CA LEU B 43 -27.99 11.28 7.02
C LEU B 43 -28.38 12.76 6.93
N GLU B 44 -28.71 13.23 5.72
CA GLU B 44 -29.09 14.63 5.52
C GLU B 44 -30.60 14.81 5.35
N GLY B 45 -31.39 13.81 5.72
CA GLY B 45 -32.85 13.90 5.68
C GLY B 45 -33.58 13.38 4.45
N ASN B 46 -32.88 12.76 3.50
CA ASN B 46 -33.55 12.15 2.36
C ASN B 46 -34.43 11.05 2.91
N THR B 47 -35.70 11.04 2.51
CA THR B 47 -36.67 10.10 3.08
C THR B 47 -37.06 8.98 2.12
N LEU B 48 -36.26 8.74 1.09
CA LEU B 48 -36.49 7.57 0.24
C LEU B 48 -36.25 6.32 1.11
N THR B 49 -37.15 5.36 0.99
CA THR B 49 -36.95 4.10 1.67
C THR B 49 -35.89 3.31 0.92
N TYR B 50 -35.48 2.19 1.49
CA TYR B 50 -34.42 1.38 0.93
C TYR B 50 -34.92 0.79 -0.38
N GLY B 51 -36.19 0.42 -0.40
CA GLY B 51 -36.79 -0.20 -1.59
C GLY B 51 -36.98 0.79 -2.73
N GLN B 52 -37.38 2.02 -2.39
CA GLN B 52 -37.40 3.12 -3.35
C GLN B 52 -36.02 3.43 -3.91
N THR B 53 -35.00 3.36 -3.05
CA THR B 53 -33.64 3.63 -3.47
C THR B 53 -33.24 2.59 -4.50
N LYS B 54 -33.61 1.34 -4.25
CA LYS B 54 -33.32 0.29 -5.21
C LYS B 54 -34.07 0.54 -6.53
N LEU B 55 -35.38 0.71 -6.42
CA LEU B 55 -36.21 0.90 -7.61
C LEU B 55 -35.67 2.03 -8.49
N LEU B 56 -35.14 3.08 -7.86
CA LEU B 56 -34.62 4.23 -8.60
C LEU B 56 -33.28 3.90 -9.25
N LEU B 57 -32.33 3.46 -8.43
CA LEU B 57 -30.97 3.23 -8.90
C LEU B 57 -30.89 2.05 -9.87
N MSE B 58 -31.76 1.07 -9.68
CA MSE B 58 -31.76 -0.15 -10.48
C MSE B 58 -32.63 -0.07 -11.76
O MSE B 58 -32.32 -0.71 -12.77
CB MSE B 58 -32.27 -1.29 -9.58
CG MSE B 58 -32.15 -2.68 -10.14
SE MSE B 58 -30.31 -3.29 -10.31
CE MSE B 58 -30.76 -4.86 -11.45
N PHE B 59 -33.72 0.69 -11.71
CA PHE B 59 -34.66 0.76 -12.87
C PHE B 59 -35.04 2.18 -13.33
N GLY B 60 -34.61 3.20 -12.59
CA GLY B 60 -34.99 4.58 -12.90
C GLY B 60 -36.47 4.84 -12.71
N GLU B 61 -37.10 4.08 -11.81
CA GLU B 61 -38.52 4.17 -11.60
C GLU B 61 -38.82 4.60 -10.19
N THR B 62 -40.04 5.07 -9.97
CA THR B 62 -40.47 5.63 -8.69
C THR B 62 -41.76 4.94 -8.26
N SER B 63 -42.00 4.90 -6.95
CA SER B 63 -43.19 4.28 -6.41
C SER B 63 -43.50 4.81 -5.03
N GLY B 64 -44.78 4.92 -4.70
CA GLY B 64 -45.21 5.45 -3.41
C GLY B 64 -44.94 6.94 -3.28
N ASN B 65 -44.98 7.45 -2.06
CA ASN B 65 -44.86 8.87 -1.80
C ASN B 65 -43.45 9.29 -1.47
N ALA B 66 -43.01 10.38 -2.10
CA ALA B 66 -41.73 10.99 -1.79
C ALA B 66 -41.64 12.28 -2.59
N SER B 67 -40.73 13.17 -2.22
CA SER B 67 -40.52 14.40 -3.00
C SER B 67 -39.67 14.07 -4.19
N LEU B 68 -39.97 14.67 -5.35
CA LEU B 68 -39.12 14.55 -6.53
C LEU B 68 -37.67 14.88 -6.20
N LYS B 69 -37.47 15.94 -5.41
CA LYS B 69 -36.13 16.38 -5.02
C LYS B 69 -35.29 15.24 -4.37
N ASP B 70 -35.91 14.43 -3.51
CA ASP B 70 -35.19 13.31 -2.89
C ASP B 70 -34.73 12.29 -3.93
N TYR B 71 -35.64 11.90 -4.82
CA TYR B 71 -35.27 11.04 -5.94
C TYR B 71 -34.15 11.65 -6.79
N GLU B 72 -34.28 12.92 -7.15
CA GLU B 72 -33.32 13.55 -8.07
C GLU B 72 -31.93 13.56 -7.46
N GLU B 73 -31.90 13.80 -6.17
CA GLU B 73 -30.66 13.91 -5.41
C GLU B 73 -29.99 12.58 -5.16
N MSE B 74 -30.79 11.53 -4.96
CA MSE B 74 -30.29 10.17 -4.82
C MSE B 74 -29.57 9.76 -6.10
O MSE B 74 -28.48 9.20 -6.04
CB MSE B 74 -31.43 9.19 -4.53
CG MSE B 74 -30.97 7.78 -4.17
SE MSE B 74 -29.99 7.73 -2.49
CE MSE B 74 -31.49 7.81 -1.28
N LYS B 75 -30.19 10.04 -7.26
CA LYS B 75 -29.57 9.73 -8.55
C LYS B 75 -28.30 10.55 -8.77
N ALA B 76 -28.35 11.83 -8.40
CA ALA B 76 -27.26 12.77 -8.64
C ALA B 76 -26.06 12.43 -7.76
N HIS B 77 -26.34 12.00 -6.55
CA HIS B 77 -25.30 11.52 -5.66
C HIS B 77 -24.57 10.28 -6.21
N ASN B 78 -25.30 9.42 -6.90
CA ASN B 78 -24.66 8.25 -7.48
C ASN B 78 -23.76 8.64 -8.64
N VAL B 79 -24.12 9.69 -9.36
CA VAL B 79 -23.26 10.24 -10.40
C VAL B 79 -22.01 10.80 -9.71
N GLY B 80 -22.21 11.44 -8.57
CA GLY B 80 -21.11 11.92 -7.76
C GLY B 80 -20.15 10.81 -7.36
N LEU B 81 -20.69 9.67 -6.93
CA LEU B 81 -19.86 8.52 -6.55
C LEU B 81 -19.02 8.08 -7.76
N GLU B 82 -19.65 7.96 -8.92
CA GLU B 82 -18.92 7.65 -10.14
C GLU B 82 -17.81 8.64 -10.42
N MSE B 83 -18.09 9.92 -10.19
CA MSE B 83 -17.08 10.96 -10.38
C MSE B 83 -15.86 10.77 -9.49
O MSE B 83 -14.73 10.84 -9.99
CB MSE B 83 -17.67 12.34 -10.14
CG MSE B 83 -18.47 12.90 -11.31
SE MSE B 83 -19.37 14.54 -10.81
CE MSE B 83 -17.82 15.52 -10.20
N ILE B 84 -16.06 10.53 -8.19
CA ILE B 84 -14.91 10.39 -7.31
C ILE B 84 -14.12 9.13 -7.64
N LYS B 85 -14.79 8.06 -8.07
CA LYS B 85 -14.10 6.83 -8.43
C LYS B 85 -13.12 7.11 -9.56
N GLN B 86 -13.62 7.78 -10.59
CA GLN B 86 -12.82 8.10 -11.76
C GLN B 86 -11.70 9.09 -11.42
N GLU B 87 -12.01 10.09 -10.61
CA GLU B 87 -11.00 11.06 -10.22
C GLU B 87 -9.91 10.34 -9.43
N ALA B 88 -10.33 9.56 -8.44
CA ALA B 88 -9.42 8.79 -7.60
C ALA B 88 -8.53 7.83 -8.41
N GLN B 89 -9.12 7.11 -9.36
CA GLN B 89 -8.35 6.12 -10.12
C GLN B 89 -7.22 6.75 -10.93
N ASP B 90 -7.43 7.98 -11.41
CA ASP B 90 -6.37 8.69 -12.12
C ASP B 90 -5.39 9.25 -11.11
N LYS B 91 -4.43 8.41 -10.71
CA LYS B 91 -3.59 8.68 -9.55
C LYS B 91 -2.73 9.94 -9.68
N GLU B 92 -2.49 10.40 -10.90
CA GLU B 92 -1.69 11.60 -11.15
C GLU B 92 -2.50 12.90 -11.14
N ARG B 93 -3.81 12.82 -10.92
CA ARG B 93 -4.65 14.01 -10.86
C ARG B 93 -4.76 14.51 -9.42
N PRO B 94 -4.22 15.70 -9.13
CA PRO B 94 -4.37 16.23 -7.77
C PRO B 94 -5.79 16.69 -7.45
N LEU B 95 -6.11 16.73 -6.16
CA LEU B 95 -7.40 17.23 -5.72
C LEU B 95 -7.51 18.73 -6.04
N THR B 96 -8.55 19.10 -6.76
CA THR B 96 -8.71 20.45 -7.23
C THR B 96 -9.97 21.08 -6.64
N GLU B 97 -9.94 22.38 -6.43
CA GLU B 97 -11.13 23.12 -6.03
C GLU B 97 -12.22 22.99 -7.10
N SER B 98 -11.86 22.96 -8.38
CA SER B 98 -12.88 22.84 -9.42
C SER B 98 -13.58 21.48 -9.39
N PHE B 99 -12.86 20.42 -9.03
CA PHE B 99 -13.52 19.12 -8.95
C PHE B 99 -14.56 19.13 -7.83
N ILE B 100 -14.22 19.75 -6.70
CA ILE B 100 -15.11 19.78 -5.54
C ILE B 100 -16.35 20.61 -5.85
N ARG B 101 -16.14 21.68 -6.59
CA ARG B 101 -17.24 22.55 -7.02
C ARG B 101 -18.17 21.81 -7.98
N GLU B 102 -17.60 21.09 -8.93
CA GLU B 102 -18.37 20.30 -9.88
C GLU B 102 -19.16 19.21 -9.16
N LEU B 103 -18.57 18.68 -8.08
CA LEU B 103 -19.20 17.66 -7.24
C LEU B 103 -20.46 18.24 -6.58
N ASN B 104 -20.36 19.44 -6.04
CA ASN B 104 -21.49 20.10 -5.44
C ASN B 104 -22.58 20.38 -6.47
N ARG B 105 -22.18 20.92 -7.62
CA ARG B 105 -23.08 21.17 -8.72
C ARG B 105 -23.82 19.90 -9.12
N THR B 106 -23.13 18.77 -9.12
CA THR B 106 -23.71 17.51 -9.57
C THR B 106 -24.73 16.96 -8.58
N ILE B 107 -24.32 16.79 -7.32
CA ILE B 107 -25.16 16.07 -6.37
C ILE B 107 -26.39 16.85 -5.96
N LEU B 108 -26.28 18.18 -5.92
CA LEU B 108 -27.45 19.05 -5.78
C LEU B 108 -27.79 19.39 -7.21
N VAL B 109 -28.91 18.92 -7.73
CA VAL B 109 -29.10 18.94 -9.17
C VAL B 109 -29.00 20.34 -9.81
N GLN B 110 -29.51 21.36 -9.13
CA GLN B 110 -29.70 22.69 -9.71
C GLN B 110 -29.92 23.73 -8.62
N ASP B 111 -29.81 25.02 -8.95
CA ASP B 111 -30.09 26.08 -7.96
C ASP B 111 -31.53 25.96 -7.44
N TYR B 112 -31.78 26.36 -6.19
CA TYR B 112 -33.13 26.24 -5.62
C TYR B 112 -33.38 27.09 -4.36
N TRP B 113 -34.67 27.16 -3.99
CA TRP B 113 -35.13 27.93 -2.84
C TRP B 113 -35.52 26.99 -1.70
N ILE B 128 -30.17 28.22 -1.82
CA ILE B 128 -28.94 27.53 -2.18
C ILE B 128 -28.60 27.78 -3.65
N LYS B 129 -27.43 28.37 -3.93
CA LYS B 129 -26.87 28.40 -5.31
C LYS B 129 -25.74 27.34 -5.45
N VAL B 130 -25.99 26.29 -6.24
CA VAL B 130 -25.11 25.11 -6.27
C VAL B 130 -23.84 25.32 -7.13
N GLY B 131 -22.72 24.75 -6.68
CA GLY B 131 -21.44 24.85 -7.39
C GLY B 131 -20.55 26.00 -6.93
N GLU B 132 -21.13 26.92 -6.18
CA GLU B 132 -20.45 28.13 -5.74
C GLU B 132 -20.24 28.10 -4.25
N TYR B 133 -19.15 28.69 -3.80
CA TYR B 133 -18.95 28.86 -2.37
C TYR B 133 -20.01 29.80 -1.82
N LYS B 134 -20.23 29.72 -0.52
CA LYS B 134 -21.31 30.46 0.13
C LYS B 134 -21.19 31.95 -0.13
N SER B 135 -22.33 32.60 -0.31
CA SER B 135 -22.40 34.05 -0.43
C SER B 135 -23.03 34.70 0.81
N ARG B 136 -23.49 33.88 1.74
CA ARG B 136 -23.97 34.34 3.04
C ARG B 136 -23.47 33.32 4.04
N PRO B 137 -23.43 33.68 5.33
CA PRO B 137 -22.97 32.67 6.30
C PRO B 137 -23.91 31.48 6.36
N ASN B 138 -23.39 30.33 6.76
CA ASN B 138 -24.19 29.11 6.93
C ASN B 138 -24.02 28.51 8.32
N SER B 139 -23.97 29.38 9.32
CA SER B 139 -23.85 28.96 10.71
C SER B 139 -25.14 28.28 11.14
N VAL B 140 -25.07 27.53 12.23
CA VAL B 140 -26.24 26.81 12.74
C VAL B 140 -26.25 26.82 14.24
N LEU B 141 -27.41 26.56 14.80
CA LEU B 141 -27.55 26.45 16.25
C LEU B 141 -27.33 25.00 16.64
N THR B 142 -26.70 24.77 17.78
CA THR B 142 -26.51 23.42 18.31
C THR B 142 -27.77 22.99 19.04
N ALA B 143 -27.75 21.78 19.61
CA ALA B 143 -28.88 21.31 20.42
C ALA B 143 -29.13 22.22 21.61
N THR B 144 -28.09 22.88 22.11
CA THR B 144 -28.23 23.78 23.27
C THR B 144 -28.46 25.25 22.90
N GLY B 145 -28.74 25.53 21.63
CA GLY B 145 -29.00 26.90 21.19
C GLY B 145 -27.76 27.74 20.96
N GLU B 146 -26.58 27.15 21.09
CA GLU B 146 -25.34 27.85 20.80
C GLU B 146 -25.13 27.97 19.29
N VAL B 147 -24.50 29.05 18.86
CA VAL B 147 -24.13 29.24 17.45
C VAL B 147 -22.86 28.48 17.12
N PHE B 148 -22.91 27.65 16.08
CA PHE B 148 -21.72 26.99 15.54
C PHE B 148 -21.34 27.68 14.24
N SER B 149 -20.12 28.21 14.20
CA SER B 149 -19.65 28.97 13.06
C SER B 149 -18.81 28.11 12.14
N TYR B 150 -18.97 28.34 10.85
CA TYR B 150 -18.08 27.82 9.83
C TYR B 150 -17.34 29.00 9.20
N ALA B 151 -16.55 28.74 8.16
CA ALA B 151 -15.80 29.80 7.51
C ALA B 151 -16.74 30.91 7.07
N SER B 152 -16.27 32.14 7.18
CA SER B 152 -17.05 33.27 6.70
C SER B 152 -17.03 33.25 5.19
N PRO B 153 -18.06 33.81 4.55
CA PRO B 153 -18.06 33.88 3.09
C PRO B 153 -16.77 34.50 2.54
N GLU B 154 -16.21 35.46 3.25
CA GLU B 154 -15.03 36.19 2.78
C GLU B 154 -13.79 35.30 2.77
N GLU B 155 -13.57 34.58 3.87
CA GLU B 155 -12.35 33.79 4.03
C GLU B 155 -12.42 32.39 3.42
N THR B 156 -13.61 31.97 2.98
CA THR B 156 -13.82 30.63 2.42
C THR B 156 -12.89 30.29 1.24
N PRO B 157 -12.87 31.13 0.18
CA PRO B 157 -11.97 30.81 -0.94
C PRO B 157 -10.50 30.65 -0.53
N ALA B 158 -10.02 31.51 0.38
CA ALA B 158 -8.65 31.37 0.88
C ALA B 158 -8.47 30.03 1.65
N PHE B 159 -9.42 29.74 2.53
CA PHE B 159 -9.42 28.50 3.29
C PHE B 159 -9.44 27.25 2.40
N MSE B 160 -10.22 27.29 1.33
CA MSE B 160 -10.31 26.16 0.39
C MSE B 160 -9.02 26.00 -0.43
O MSE B 160 -8.55 24.88 -0.61
CB MSE B 160 -11.51 26.34 -0.55
CG MSE B 160 -12.84 26.12 0.13
SE MSE B 160 -13.06 24.28 0.84
CE MSE B 160 -13.24 23.40 -0.90
N THR B 161 -8.44 27.09 -0.92
CA THR B 161 -7.16 26.97 -1.60
C THR B 161 -6.11 26.37 -0.65
N SER B 162 -6.17 26.73 0.62
CA SER B 162 -5.24 26.16 1.59
C SER B 162 -5.48 24.67 1.78
N LEU B 163 -6.74 24.27 1.77
CA LEU B 163 -7.12 22.89 2.03
C LEU B 163 -6.60 21.97 0.93
N VAL B 164 -6.82 22.35 -0.33
CA VAL B 164 -6.39 21.50 -1.44
C VAL B 164 -4.87 21.49 -1.54
N ASP B 165 -4.24 22.66 -1.39
CA ASP B 165 -2.79 22.73 -1.35
C ASP B 165 -2.25 21.83 -0.23
N TRP B 166 -2.88 21.89 0.94
CA TRP B 166 -2.47 21.07 2.07
C TRP B 166 -2.60 19.58 1.75
N TYR B 167 -3.73 19.22 1.16
CA TYR B 167 -4.02 17.82 0.89
C TYR B 167 -2.98 17.23 -0.06
N ASN B 168 -2.78 17.91 -1.19
CA ASN B 168 -1.87 17.42 -2.21
C ASN B 168 -0.43 17.37 -1.70
N LEU B 169 -0.09 18.24 -0.75
CA LEU B 169 1.24 18.21 -0.16
C LEU B 169 1.39 16.94 0.67
N GLU B 170 0.36 16.61 1.45
CA GLU B 170 0.36 15.38 2.23
C GLU B 170 0.45 14.17 1.32
N ALA B 171 -0.27 14.22 0.22
CA ALA B 171 -0.20 13.19 -0.80
C ALA B 171 1.24 13.01 -1.30
N ASP B 172 1.94 14.11 -1.56
CA ASP B 172 3.34 14.06 -2.01
C ASP B 172 4.26 13.41 -0.99
N LYS B 173 4.20 13.85 0.25
CA LYS B 173 5.19 13.43 1.22
C LYS B 173 4.93 12.04 1.82
N GLY B 174 3.72 11.53 1.65
CA GLY B 174 3.42 10.13 1.93
C GLY B 174 3.67 9.67 3.35
N ILE B 175 3.39 10.55 4.31
CA ILE B 175 3.57 10.24 5.73
C ILE B 175 2.27 9.69 6.31
N LEU B 176 1.17 10.38 6.09
CA LEU B 176 -0.12 9.96 6.65
C LEU B 176 -0.65 8.69 5.99
N THR B 177 -1.30 7.83 6.77
CA THR B 177 -2.04 6.68 6.22
C THR B 177 -3.27 7.23 5.52
N PRO B 178 -3.79 6.50 4.52
CA PRO B 178 -5.02 6.94 3.84
C PRO B 178 -6.21 7.18 4.76
N VAL B 179 -6.34 6.42 5.84
CA VAL B 179 -7.44 6.62 6.79
C VAL B 179 -7.26 7.94 7.53
N GLU B 180 -6.02 8.22 7.94
CA GLU B 180 -5.70 9.48 8.59
C GLU B 180 -5.94 10.66 7.67
N LEU B 181 -5.40 10.58 6.45
CA LEU B 181 -5.52 11.66 5.49
C LEU B 181 -6.98 11.91 5.15
N ALA B 182 -7.74 10.81 4.99
CA ALA B 182 -9.16 10.90 4.69
C ALA B 182 -9.91 11.55 5.84
N ALA B 183 -9.61 11.13 7.07
CA ALA B 183 -10.27 11.68 8.26
C ALA B 183 -10.04 13.18 8.37
N LEU B 184 -8.80 13.60 8.19
CA LEU B 184 -8.43 15.01 8.35
C LEU B 184 -8.99 15.85 7.22
N LEU B 185 -9.00 15.32 5.99
CA LEU B 185 -9.65 16.00 4.86
C LEU B 185 -11.14 16.22 5.12
N HIS B 186 -11.82 15.18 5.58
CA HIS B 186 -13.22 15.27 5.94
C HIS B 186 -13.40 16.37 6.99
N TYR B 187 -12.61 16.30 8.06
CA TYR B 187 -12.81 17.19 9.19
C TYR B 187 -12.58 18.65 8.84
N ARG B 188 -11.45 18.94 8.23
CA ARG B 188 -11.15 20.29 7.84
C ARG B 188 -12.19 20.84 6.86
N TYR B 189 -12.55 20.03 5.86
CA TYR B 189 -13.58 20.42 4.90
C TYR B 189 -14.90 20.73 5.60
N ILE B 190 -15.35 19.83 6.48
CA ILE B 190 -16.63 20.01 7.15
C ILE B 190 -16.60 21.28 8.02
N ARG B 191 -15.44 21.62 8.59
CA ARG B 191 -15.31 22.81 9.44
C ARG B 191 -15.34 24.09 8.63
N ILE B 192 -14.81 24.06 7.40
CA ILE B 192 -14.91 25.18 6.47
C ILE B 192 -16.36 25.31 5.98
N HIS B 193 -16.98 24.18 5.62
CA HIS B 193 -18.40 24.12 5.24
C HIS B 193 -18.71 25.12 4.11
N PRO B 194 -17.95 25.03 2.99
CA PRO B 194 -17.83 26.08 1.96
C PRO B 194 -19.10 26.39 1.16
N PHE B 195 -19.86 25.37 0.81
CA PHE B 195 -21.07 25.57 0.02
C PHE B 195 -22.27 25.85 0.92
N GLU B 196 -23.33 26.39 0.32
CA GLU B 196 -24.57 26.60 1.05
C GLU B 196 -25.24 25.29 1.43
N ASP B 197 -24.99 24.22 0.68
CA ASP B 197 -25.58 22.93 0.97
C ASP B 197 -24.77 21.76 0.39
N GLY B 198 -25.00 20.57 0.91
CA GLY B 198 -24.36 19.32 0.44
C GLY B 198 -23.00 19.03 1.03
N ASN B 199 -22.62 19.78 2.07
CA ASN B 199 -21.29 19.66 2.66
C ASN B 199 -21.08 18.33 3.39
N GLY B 200 -22.15 17.77 3.94
CA GLY B 200 -22.06 16.46 4.59
C GLY B 200 -21.70 15.40 3.55
N ARG B 201 -22.43 15.44 2.44
CA ARG B 201 -22.23 14.49 1.37
C ARG B 201 -20.88 14.65 0.68
N ILE B 202 -20.41 15.89 0.56
CA ILE B 202 -19.11 16.13 -0.06
C ILE B 202 -18.03 15.57 0.85
N ALA B 203 -18.11 15.88 2.14
CA ALA B 203 -17.15 15.36 3.11
C ALA B 203 -17.01 13.84 2.97
N ARG B 204 -18.14 13.13 2.95
CA ARG B 204 -18.13 11.68 2.92
C ARG B 204 -17.65 11.14 1.57
N LEU B 205 -17.98 11.87 0.51
CA LEU B 205 -17.47 11.54 -0.82
C LEU B 205 -15.94 11.72 -0.89
N LEU B 206 -15.44 12.77 -0.24
CA LEU B 206 -13.99 13.02 -0.24
C LEU B 206 -13.26 11.92 0.56
N VAL B 207 -13.89 11.39 1.61
CA VAL B 207 -13.28 10.27 2.34
C VAL B 207 -13.08 9.12 1.37
N ASN B 208 -14.15 8.75 0.69
CA ASN B 208 -14.10 7.60 -0.22
C ASN B 208 -13.24 7.86 -1.45
N PHE B 209 -13.04 9.14 -1.79
CA PHE B 209 -12.09 9.51 -2.82
C PHE B 209 -10.69 9.11 -2.38
N VAL B 210 -10.32 9.47 -1.17
CA VAL B 210 -8.99 9.16 -0.67
C VAL B 210 -8.81 7.65 -0.57
N LEU B 211 -9.74 6.96 0.07
CA LEU B 211 -9.63 5.51 0.23
C LEU B 211 -9.51 4.77 -1.11
N HIS B 212 -10.32 5.16 -2.08
CA HIS B 212 -10.35 4.45 -3.36
C HIS B 212 -9.04 4.67 -4.10
N ARG B 213 -8.57 5.90 -4.09
CA ARG B 213 -7.31 6.23 -4.75
C ARG B 213 -6.16 5.34 -4.27
N TYR B 214 -6.10 5.06 -2.97
CA TYR B 214 -5.02 4.27 -2.40
C TYR B 214 -5.38 2.78 -2.19
N GLY B 215 -6.35 2.28 -2.96
CA GLY B 215 -6.64 0.85 -3.00
C GLY B 215 -7.33 0.27 -1.77
N TYR B 216 -8.02 1.11 -1.00
CA TYR B 216 -8.81 0.63 0.11
C TYR B 216 -10.25 0.51 -0.34
N PRO B 217 -11.02 -0.41 0.26
CA PRO B 217 -12.44 -0.43 -0.01
C PRO B 217 -13.07 0.82 0.59
N MSE B 218 -14.08 1.36 -0.07
CA MSE B 218 -14.75 2.55 0.41
C MSE B 218 -15.64 2.22 1.61
O MSE B 218 -16.00 1.05 1.81
CB MSE B 218 -15.52 3.21 -0.73
CG MSE B 218 -14.58 3.87 -1.76
SE MSE B 218 -15.57 4.55 -3.30
CE MSE B 218 -15.98 2.86 -4.15
N ILE B 219 -15.95 3.23 2.41
CA ILE B 219 -16.71 3.02 3.64
C ILE B 219 -18.08 3.67 3.59
N VAL B 220 -18.98 3.17 4.43
CA VAL B 220 -20.33 3.70 4.59
C VAL B 220 -20.52 4.14 6.03
N ILE B 221 -20.64 5.43 6.26
CA ILE B 221 -21.10 5.92 7.56
C ILE B 221 -22.61 5.72 7.56
N HIS B 222 -23.09 4.84 8.44
CA HIS B 222 -24.51 4.45 8.45
C HIS B 222 -25.39 5.46 9.15
N SER B 223 -26.53 5.82 8.57
CA SER B 223 -27.38 6.86 9.16
C SER B 223 -27.99 6.42 10.49
N GLU B 224 -28.09 5.12 10.72
CA GLU B 224 -28.51 4.61 12.01
C GLU B 224 -27.55 5.07 13.11
N ASP B 225 -26.31 5.36 12.74
CA ASP B 225 -25.27 5.75 13.69
C ASP B 225 -24.99 7.25 13.68
N LYS B 226 -25.96 8.03 13.21
CA LYS B 226 -25.80 9.47 13.02
C LYS B 226 -25.36 10.21 14.28
N SER B 227 -26.02 9.93 15.40
CA SER B 227 -25.78 10.69 16.63
C SER B 227 -24.37 10.40 17.12
N ASN B 228 -23.93 9.16 16.96
CA ASN B 228 -22.56 8.78 17.31
C ASN B 228 -21.52 9.49 16.43
N TYR B 229 -21.82 9.55 15.14
CA TYR B 229 -21.01 10.23 14.16
C TYR B 229 -20.89 11.71 14.51
N LEU B 230 -22.02 12.37 14.77
CA LEU B 230 -22.02 13.77 15.18
C LEU B 230 -21.29 13.97 16.52
N ASN B 231 -21.46 13.00 17.43
CA ASN B 231 -20.85 13.09 18.74
C ASN B 231 -19.34 13.11 18.59
N ILE B 232 -18.81 12.17 17.81
CA ILE B 232 -17.37 12.03 17.62
C ILE B 232 -16.81 13.31 16.97
N LEU B 233 -17.49 13.79 15.93
CA LEU B 233 -17.13 15.05 15.31
C LEU B 233 -17.14 16.24 16.29
N HIS B 234 -18.08 16.27 17.23
CA HIS B 234 -18.10 17.31 18.25
C HIS B 234 -16.95 17.16 19.28
N GLN B 235 -16.59 15.92 19.60
CA GLN B 235 -15.41 15.69 20.46
C GLN B 235 -14.23 16.40 19.81
N CYS B 236 -14.04 16.14 18.52
CA CYS B 236 -13.00 16.79 17.74
C CYS B 236 -13.11 18.30 17.83
N ASP B 237 -14.33 18.83 17.73
CA ASP B 237 -14.53 20.28 17.68
C ASP B 237 -14.06 20.94 18.98
N VAL B 238 -14.36 20.28 20.09
CA VAL B 238 -13.97 20.78 21.39
C VAL B 238 -12.45 20.75 21.56
N GLU B 239 -11.79 19.77 20.95
CA GLU B 239 -10.34 19.62 21.05
C GLU B 239 -9.59 20.54 20.12
N ALA B 240 -10.04 20.59 18.86
CA ALA B 240 -9.40 21.42 17.83
C ALA B 240 -9.60 22.92 18.11
N GLY B 241 -10.77 23.28 18.61
CA GLY B 241 -11.10 24.68 18.86
C GLY B 241 -12.37 25.02 18.13
N LEU B 242 -13.17 25.95 18.66
CA LEU B 242 -14.50 26.24 18.11
C LEU B 242 -14.56 27.48 17.21
N THR B 243 -13.44 27.93 16.67
CA THR B 243 -13.44 29.01 15.68
C THR B 243 -13.10 28.42 14.31
N PRO B 244 -13.75 28.89 13.23
CA PRO B 244 -13.50 28.31 11.91
C PRO B 244 -12.02 28.08 11.57
N SER B 245 -11.17 28.99 11.99
CA SER B 245 -9.74 28.85 11.81
C SER B 245 -9.15 27.63 12.54
N ASP B 246 -9.64 27.37 13.75
CA ASP B 246 -9.22 26.20 14.52
C ASP B 246 -9.57 24.93 13.78
N GLY B 247 -10.73 24.93 13.13
CA GLY B 247 -11.20 23.79 12.39
C GLY B 247 -10.37 23.53 11.16
N ALA B 248 -10.18 24.58 10.37
CA ALA B 248 -9.39 24.50 9.14
C ALA B 248 -7.95 24.02 9.35
N ASN B 249 -7.40 24.27 10.55
CA ASN B 249 -6.03 23.90 10.89
C ASN B 249 -5.95 22.77 11.92
N ALA B 250 -7.05 22.04 12.09
CA ALA B 250 -7.09 20.94 13.06
C ALA B 250 -5.98 19.93 12.76
N THR B 251 -5.26 19.51 13.80
CA THR B 251 -4.17 18.57 13.63
C THR B 251 -4.70 17.15 13.74
N LEU B 252 -3.86 16.19 13.34
CA LEU B 252 -4.25 14.78 13.38
C LEU B 252 -4.59 14.36 14.80
N ASN B 253 -3.80 14.84 15.75
CA ASN B 253 -4.00 14.45 17.14
C ASN B 253 -5.31 14.99 17.69
N ASP B 254 -5.68 16.19 17.25
CA ASP B 254 -6.94 16.79 17.65
C ASP B 254 -8.12 15.91 17.26
N ILE B 255 -8.05 15.27 16.09
CA ILE B 255 -9.19 14.52 15.54
C ILE B 255 -9.10 13.00 15.71
N LEU B 256 -8.28 12.57 16.66
CA LEU B 256 -8.03 11.15 16.86
C LEU B 256 -9.31 10.30 17.03
N PRO B 257 -10.30 10.80 17.80
CA PRO B 257 -11.53 10.01 17.93
C PRO B 257 -12.26 9.76 16.61
N PHE B 258 -12.17 10.70 15.68
CA PHE B 258 -12.75 10.54 14.35
C PHE B 258 -11.89 9.67 13.42
N VAL B 259 -10.58 9.70 13.62
CA VAL B 259 -9.70 8.78 12.90
C VAL B 259 -10.06 7.35 13.29
N ASN B 260 -10.25 7.11 14.59
CA ASN B 260 -10.65 5.79 15.05
C ASN B 260 -12.01 5.41 14.47
N TYR B 261 -12.93 6.36 14.41
CA TYR B 261 -14.27 6.07 13.87
C TYR B 261 -14.21 5.57 12.42
N LEU B 262 -13.49 6.28 11.57
CA LEU B 262 -13.36 5.87 10.18
C LEU B 262 -12.66 4.52 10.08
N SER B 263 -11.72 4.26 10.98
CA SER B 263 -11.05 2.96 11.01
C SER B 263 -12.03 1.84 11.35
N SER B 264 -12.98 2.10 12.25
CA SER B 264 -13.97 1.07 12.59
C SER B 264 -14.88 0.77 11.39
N CYS B 265 -15.19 1.80 10.59
CA CYS B 265 -15.91 1.60 9.34
C CYS B 265 -15.09 0.82 8.36
N LEU B 266 -13.82 1.18 8.24
CA LEU B 266 -12.94 0.49 7.32
C LEU B 266 -12.82 -0.98 7.71
N ILE B 267 -12.82 -1.26 9.02
CA ILE B 267 -12.85 -2.64 9.50
C ILE B 267 -14.08 -3.36 8.95
N ARG B 268 -15.22 -2.70 9.00
CA ARG B 268 -16.46 -3.30 8.51
C ARG B 268 -16.38 -3.59 7.01
N SER B 269 -15.85 -2.63 6.25
CA SER B 269 -15.73 -2.78 4.79
C SER B 269 -14.76 -3.90 4.42
N LEU B 270 -13.60 -3.90 5.07
CA LEU B 270 -12.61 -4.92 4.85
C LEU B 270 -13.17 -6.31 5.16
N THR B 271 -13.92 -6.43 6.25
CA THR B 271 -14.49 -7.71 6.63
C THR B 271 -15.48 -8.20 5.57
N LEU B 272 -16.38 -7.32 5.16
CA LEU B 272 -17.33 -7.67 4.12
C LEU B 272 -16.66 -7.96 2.76
N ALA B 273 -15.64 -7.17 2.42
CA ALA B 273 -14.96 -7.32 1.13
C ALA B 273 -14.19 -8.63 1.06
N ILE B 274 -13.50 -8.96 2.15
CA ILE B 274 -12.81 -10.26 2.26
C ILE B 274 -13.82 -11.40 2.14
N LYS B 275 -14.97 -11.23 2.76
CA LYS B 275 -16.05 -12.22 2.70
C LYS B 275 -16.49 -12.43 1.25
N ALA B 276 -16.66 -11.32 0.52
CA ALA B 276 -17.07 -11.38 -0.87
C ALA B 276 -16.01 -12.06 -1.72
N ALA B 277 -14.75 -11.64 -1.54
CA ALA B 277 -13.60 -12.24 -2.24
C ALA B 277 -13.54 -13.75 -2.09
N LYS B 278 -13.85 -14.25 -0.90
CA LYS B 278 -13.92 -15.68 -0.63
C LYS B 278 -15.20 -16.37 -1.17
N GLY B 279 -16.01 -15.63 -1.92
CA GLY B 279 -17.22 -16.19 -2.52
C GLY B 279 -18.41 -16.38 -1.59
N GLU B 280 -18.28 -15.97 -0.33
CA GLU B 280 -19.36 -16.12 0.66
C GLU B 280 -20.40 -15.02 0.51
N SER B 281 -21.53 -15.17 1.20
CA SER B 281 -22.63 -14.19 1.10
C SER B 281 -22.31 -12.95 1.93
N ILE B 282 -22.75 -11.79 1.47
CA ILE B 282 -22.53 -10.54 2.18
C ILE B 282 -23.85 -9.82 2.44
N GLU B 283 -24.94 -10.59 2.44
CA GLU B 283 -26.29 -10.06 2.60
C GLU B 283 -26.58 -9.73 4.07
N GLU B 284 -27.33 -8.65 4.30
CA GLU B 284 -27.71 -8.23 5.65
C GLU B 284 -29.19 -7.82 5.71
N GLU B 285 -29.82 -8.10 6.85
CA GLU B 285 -31.26 -7.87 7.10
C GLU B 285 -31.86 -6.53 6.61
N GLY B 286 -33.14 -6.57 6.23
CA GLY B 286 -33.87 -5.39 5.77
C GLY B 286 -35.33 -5.42 6.19
#